data_5UVB
#
_entry.id   5UVB
#
_cell.length_a   41.208
_cell.length_b   51.309
_cell.length_c   79.344
_cell.angle_alpha   90.000
_cell.angle_beta   92.070
_cell.angle_gamma   90.000
#
_symmetry.space_group_name_H-M   'P 1 21 1'
#
loop_
_entity.id
_entity.type
_entity.pdbx_description
1 polymer 'Cytochrome P450'
2 non-polymer 'PROTOPORPHYRIN IX CONTAINING FE'
3 non-polymer 'CHLORIDE ION'
4 non-polymer '4-cyclopropylbenzoic acid'
5 water water
#
_entity_poly.entity_id   1
_entity_poly.type   'polypeptide(L)'
_entity_poly.pdbx_seq_one_letter_code
;TIPHLAIDPFSLDFFDDPYPDQQTLRDAGPVVYLDKWNVYGVARYAEVHAVLNDPTTFCSSRGVGLSDFKKEKPWRPPSL
ILEADPPAHTRPRAVLSKVLSPATMKTIRDGFAAAADAKVDELLQRGCIDAIADLAEAYPLSVFPDAMGLKQEGREHLLP
YAGLVFNAFGPPNELRQTAIERSAPHQAYVNEQCQRPNLAPGGFGACIHAFTDTGEITPDEAPLLVRSLLSAGLDTTVNG
IGAAVYCLARFPGELQRLRSDPTLARNAFEEAVRFESPVQTFFRTTTREVELGGAVIGEGEKVLMFLGSANRDPRRWSDP
DLYDITRKTSGHVGFGSGVHMCVGQLVARLEGEVMLSALARKVAAIDIDGPVKRRFNNTLRGLESLPVKLTPA
;
_entity_poly.pdbx_strand_id   A
#
# COMPACT_ATOMS: atom_id res chain seq x y z
N THR A 1 -29.13 3.89 -17.03
CA THR A 1 -29.33 3.80 -15.58
C THR A 1 -28.03 4.10 -14.83
N ILE A 2 -26.91 3.72 -15.42
CA ILE A 2 -25.61 3.97 -14.80
C ILE A 2 -25.03 5.26 -15.36
N PRO A 3 -24.60 6.16 -14.47
CA PRO A 3 -23.95 7.37 -14.98
C PRO A 3 -22.61 7.08 -15.61
N HIS A 4 -22.38 7.75 -16.73
CA HIS A 4 -21.09 7.72 -17.42
C HIS A 4 -20.31 8.98 -17.11
N LEU A 5 -19.08 8.79 -16.65
CA LEU A 5 -18.18 9.90 -16.37
C LEU A 5 -16.92 9.85 -17.19
N ALA A 6 -16.39 11.02 -17.49
CA ALA A 6 -15.15 11.17 -18.25
C ALA A 6 -13.92 11.40 -17.39
N ILE A 7 -14.08 11.41 -16.08
CA ILE A 7 -12.96 11.50 -15.15
C ILE A 7 -11.95 10.39 -15.42
N ASP A 8 -10.67 10.77 -15.54
CA ASP A 8 -9.57 9.82 -15.64
C ASP A 8 -8.90 9.72 -14.28
N PRO A 9 -9.20 8.66 -13.54
CA PRO A 9 -8.65 8.54 -12.18
C PRO A 9 -7.16 8.20 -12.19
N PHE A 10 -6.58 8.05 -13.38
CA PHE A 10 -5.14 7.80 -13.48
C PHE A 10 -4.41 8.95 -14.17
N SER A 11 -5.06 10.11 -14.29
CA SER A 11 -4.40 11.29 -14.85
C SER A 11 -3.63 12.04 -13.79
N LEU A 12 -2.60 12.76 -14.25
CA LEU A 12 -1.79 13.54 -13.33
C LEU A 12 -2.69 14.58 -12.63
N ASP A 13 -3.64 15.18 -13.33
CA ASP A 13 -4.47 16.19 -12.67
C ASP A 13 -5.29 15.61 -11.53
N PHE A 14 -5.71 14.37 -11.69
CA PHE A 14 -6.45 13.69 -10.63
C PHE A 14 -5.51 13.38 -9.46
N PHE A 15 -4.33 12.80 -9.74
CA PHE A 15 -3.38 12.50 -8.65
C PHE A 15 -3.07 13.77 -7.85
N ASP A 16 -2.92 14.89 -8.56
CA ASP A 16 -2.57 16.17 -7.94
C ASP A 16 -3.56 16.60 -6.86
N ASP A 17 -4.84 16.30 -7.06
CA ASP A 17 -5.88 16.64 -6.09
C ASP A 17 -7.10 15.81 -6.42
N PRO A 18 -7.19 14.62 -5.84
CA PRO A 18 -8.25 13.68 -6.19
C PRO A 18 -9.59 13.94 -5.53
N TYR A 19 -9.64 14.81 -4.52
CA TYR A 19 -10.78 14.76 -3.63
C TYR A 19 -12.05 15.30 -4.24
N PRO A 20 -12.00 16.42 -5.01
CA PRO A 20 -13.27 16.81 -5.62
C PRO A 20 -13.80 15.76 -6.60
N ASP A 21 -12.92 15.20 -7.42
CA ASP A 21 -13.35 14.15 -8.37
C ASP A 21 -13.86 12.91 -7.64
N GLN A 22 -13.26 12.57 -6.50
CA GLN A 22 -13.77 11.45 -5.74
C GLN A 22 -15.16 11.68 -5.18
N GLN A 23 -15.47 12.94 -4.77
CA GLN A 23 -16.82 13.26 -4.40
C GLN A 23 -17.78 13.11 -5.58
N THR A 24 -17.38 13.65 -6.73
CA THR A 24 -18.18 13.52 -7.95
C THR A 24 -18.46 12.05 -8.24
N LEU A 25 -17.43 11.22 -8.06
CA LEU A 25 -17.61 9.78 -8.28
C LEU A 25 -18.58 9.15 -7.26
N ARG A 26 -18.52 9.55 -5.99
CA ARG A 26 -19.43 9.03 -5.00
C ARG A 26 -20.85 9.52 -5.25
N ASP A 27 -20.97 10.80 -5.58
CA ASP A 27 -22.30 11.40 -5.60
C ASP A 27 -23.04 11.13 -6.90
N ALA A 28 -22.32 10.69 -7.92
CA ALA A 28 -22.94 10.33 -9.18
C ALA A 28 -23.86 9.12 -9.05
N GLY A 29 -23.53 8.23 -8.13
CA GLY A 29 -24.32 7.04 -7.88
C GLY A 29 -23.46 5.96 -7.23
N PRO A 30 -24.09 4.87 -6.77
CA PRO A 30 -23.32 3.80 -6.14
C PRO A 30 -22.41 3.08 -7.14
N VAL A 31 -22.72 3.09 -8.43
CA VAL A 31 -21.88 2.49 -9.46
C VAL A 31 -21.85 3.45 -10.64
N VAL A 32 -20.64 3.74 -11.12
CA VAL A 32 -20.44 4.58 -12.29
C VAL A 32 -19.75 3.80 -13.41
N TYR A 33 -19.85 4.31 -14.63
CA TYR A 33 -19.06 3.80 -15.73
C TYR A 33 -18.04 4.85 -16.15
N LEU A 34 -16.77 4.47 -16.17
CA LEU A 34 -15.71 5.37 -16.55
C LEU A 34 -15.36 5.18 -18.04
N ASP A 35 -15.90 6.06 -18.86
CA ASP A 35 -15.73 5.97 -20.30
C ASP A 35 -14.28 6.03 -20.75
N LYS A 36 -13.39 6.64 -19.98
CA LYS A 36 -11.99 6.75 -20.36
C LYS A 36 -11.33 5.38 -20.51
N TRP A 37 -11.76 4.42 -19.70
CA TRP A 37 -11.08 3.12 -19.66
C TRP A 37 -12.05 1.94 -19.80
N ASN A 38 -13.33 2.21 -20.01
CA ASN A 38 -14.35 1.16 -20.15
C ASN A 38 -14.33 0.21 -18.95
N VAL A 39 -14.44 0.79 -17.76
CA VAL A 39 -14.58 0.02 -16.53
C VAL A 39 -15.67 0.60 -15.68
N TYR A 40 -16.27 -0.25 -14.87
CA TYR A 40 -17.15 0.19 -13.80
C TYR A 40 -16.33 0.74 -12.64
N GLY A 41 -16.90 1.66 -11.86
CA GLY A 41 -16.25 2.15 -10.65
C GLY A 41 -17.20 2.23 -9.49
N VAL A 42 -16.68 1.95 -8.29
CA VAL A 42 -17.42 2.12 -7.05
C VAL A 42 -16.53 2.93 -6.11
N ALA A 43 -17.09 4.02 -5.59
CA ALA A 43 -16.31 4.97 -4.80
C ALA A 43 -16.87 5.19 -3.38
N ARG A 44 -18.08 4.71 -3.10
CA ARG A 44 -18.65 4.83 -1.75
C ARG A 44 -18.15 3.68 -0.90
N TYR A 45 -18.11 3.91 0.40
CA TYR A 45 -17.65 2.91 1.32
C TYR A 45 -18.44 1.59 1.22
N ALA A 46 -19.78 1.67 1.24
CA ALA A 46 -20.61 0.47 1.27
C ALA A 46 -20.28 -0.44 0.09
N GLU A 47 -20.28 0.08 -1.13
CA GLU A 47 -20.07 -0.80 -2.28
C GLU A 47 -18.64 -1.31 -2.37
N VAL A 48 -17.66 -0.46 -2.02
CA VAL A 48 -16.27 -0.88 -2.04
C VAL A 48 -16.11 -2.01 -1.04
N HIS A 49 -16.66 -1.85 0.14
CA HIS A 49 -16.57 -2.90 1.13
C HIS A 49 -17.27 -4.17 0.65
N ALA A 50 -18.42 -4.02 0.00
CA ALA A 50 -19.19 -5.18 -0.46
C ALA A 50 -18.40 -5.95 -1.52
N VAL A 51 -17.80 -5.21 -2.45
CA VAL A 51 -17.10 -5.85 -3.56
C VAL A 51 -15.87 -6.63 -3.04
N LEU A 52 -15.10 -6.01 -2.14
CA LEU A 52 -13.94 -6.66 -1.52
C LEU A 52 -14.34 -7.98 -0.85
N ASN A 53 -15.55 -8.02 -0.29
CA ASN A 53 -15.99 -9.17 0.50
C ASN A 53 -16.87 -10.13 -0.29
N ASP A 54 -16.84 -10.00 -1.60
CA ASP A 54 -17.58 -10.87 -2.51
C ASP A 54 -16.61 -11.43 -3.56
N PRO A 55 -15.65 -12.26 -3.13
CA PRO A 55 -14.58 -12.71 -4.01
C PRO A 55 -15.03 -13.71 -5.06
N THR A 56 -16.14 -14.42 -4.86
CA THR A 56 -16.57 -15.40 -5.88
C THR A 56 -17.15 -14.75 -7.12
N THR A 57 -17.68 -13.54 -6.96
CA THR A 57 -18.21 -12.78 -8.09
C THR A 57 -17.19 -11.75 -8.54
N PHE A 58 -16.52 -11.09 -7.60
CA PHE A 58 -15.54 -10.07 -7.95
C PHE A 58 -14.14 -10.64 -7.71
N CYS A 59 -13.64 -11.33 -8.73
CA CYS A 59 -12.44 -12.15 -8.54
C CYS A 59 -11.13 -11.36 -8.76
N SER A 60 -10.05 -11.95 -8.26
CA SER A 60 -8.69 -11.42 -8.39
C SER A 60 -7.80 -12.18 -9.40
N SER A 61 -8.21 -13.36 -9.82
CA SER A 61 -7.32 -14.20 -10.63
C SER A 61 -7.21 -13.75 -12.09
N ARG A 62 -8.06 -12.80 -12.47
CA ARG A 62 -7.94 -12.20 -13.79
C ARG A 62 -7.22 -10.85 -13.70
N GLY A 63 -6.53 -10.65 -12.58
CA GLY A 63 -5.74 -9.45 -12.38
C GLY A 63 -6.46 -8.43 -11.53
N VAL A 64 -5.70 -7.70 -10.73
CA VAL A 64 -6.29 -6.63 -9.93
C VAL A 64 -5.87 -5.26 -10.45
N GLY A 65 -5.29 -5.26 -11.65
CA GLY A 65 -5.08 -4.04 -12.43
C GLY A 65 -6.13 -3.95 -13.53
N LEU A 66 -5.94 -3.01 -14.43
CA LEU A 66 -6.91 -2.83 -15.50
C LEU A 66 -6.86 -4.04 -16.42
N SER A 67 -5.66 -4.55 -16.67
CA SER A 67 -5.52 -5.66 -17.61
C SER A 67 -6.26 -6.92 -17.13
N ASP A 68 -6.97 -7.58 -18.05
CA ASP A 68 -7.69 -8.81 -17.78
C ASP A 68 -6.82 -9.96 -18.22
N PHE A 69 -6.36 -10.78 -17.28
CA PHE A 69 -5.42 -11.85 -17.63
C PHE A 69 -6.01 -12.89 -18.60
N LYS A 70 -7.33 -12.94 -18.74
CA LYS A 70 -7.99 -13.81 -19.71
C LYS A 70 -7.85 -13.26 -21.14
N LYS A 71 -7.48 -11.98 -21.26
CA LYS A 71 -7.42 -11.29 -22.55
C LYS A 71 -6.00 -10.92 -22.97
N GLU A 72 -5.17 -10.58 -21.99
CA GLU A 72 -3.80 -10.13 -22.24
C GLU A 72 -2.81 -10.90 -21.38
N LYS A 73 -1.56 -10.96 -21.80
CA LYS A 73 -0.52 -11.64 -21.02
C LYS A 73 -0.16 -10.75 -19.82
N PRO A 74 -0.07 -11.31 -18.59
CA PRO A 74 0.41 -10.44 -17.52
C PRO A 74 1.87 -10.05 -17.77
N TRP A 75 2.26 -8.87 -17.32
CA TRP A 75 3.58 -8.36 -17.58
C TRP A 75 4.69 -9.17 -16.87
N ARG A 76 4.29 -9.91 -15.85
CA ARG A 76 5.15 -10.83 -15.10
C ARG A 76 4.27 -11.98 -14.67
N PRO A 77 4.87 -13.16 -14.35
CA PRO A 77 4.04 -14.28 -13.91
C PRO A 77 3.11 -13.87 -12.75
N PRO A 78 1.84 -14.32 -12.76
CA PRO A 78 0.90 -13.84 -11.74
C PRO A 78 1.35 -14.14 -10.32
N SER A 79 1.09 -13.18 -9.42
CA SER A 79 1.27 -13.41 -8.02
C SER A 79 0.38 -14.57 -7.56
N LEU A 80 0.97 -15.46 -6.78
CA LEU A 80 0.27 -16.61 -6.22
C LEU A 80 -0.69 -16.27 -5.11
N ILE A 81 -0.66 -15.03 -4.64
CA ILE A 81 -1.57 -14.62 -3.60
C ILE A 81 -2.46 -13.45 -4.05
N LEU A 82 -1.87 -12.35 -4.49
CA LEU A 82 -2.66 -11.18 -4.88
C LEU A 82 -3.57 -11.48 -6.05
N GLU A 83 -3.09 -12.30 -6.97
CA GLU A 83 -3.75 -12.50 -8.27
C GLU A 83 -4.25 -13.94 -8.36
N ALA A 84 -4.71 -14.44 -7.22
CA ALA A 84 -5.28 -15.76 -7.09
C ALA A 84 -6.57 -15.68 -6.31
N ASP A 85 -7.48 -16.61 -6.58
CA ASP A 85 -8.72 -16.73 -5.82
C ASP A 85 -8.68 -17.99 -4.96
N PRO A 86 -9.50 -18.04 -3.90
CA PRO A 86 -9.64 -19.34 -3.22
C PRO A 86 -10.19 -20.38 -4.19
N PRO A 87 -9.74 -21.64 -4.08
CA PRO A 87 -8.85 -22.20 -3.05
C PRO A 87 -7.34 -22.02 -3.33
N ALA A 88 -6.95 -21.70 -4.56
CA ALA A 88 -5.53 -21.59 -4.88
C ALA A 88 -4.82 -20.58 -4.01
N HIS A 89 -5.54 -19.56 -3.61
CA HIS A 89 -5.01 -18.49 -2.78
C HIS A 89 -4.65 -18.94 -1.36
N THR A 90 -5.37 -19.94 -0.86
CA THR A 90 -5.39 -20.20 0.57
C THR A 90 -4.04 -20.61 1.17
N ARG A 91 -3.36 -21.60 0.60
CA ARG A 91 -2.14 -22.06 1.28
C ARG A 91 -0.98 -21.07 1.12
N PRO A 92 -0.81 -20.43 -0.04
CA PRO A 92 0.19 -19.35 -0.11
C PRO A 92 -0.12 -18.21 0.89
N ARG A 93 -1.39 -17.88 1.07
CA ARG A 93 -1.78 -16.86 2.04
C ARG A 93 -1.39 -17.32 3.46
N ALA A 94 -1.65 -18.59 3.75
CA ALA A 94 -1.33 -19.13 5.06
C ALA A 94 0.17 -19.02 5.36
N VAL A 95 1.00 -19.36 4.37
CA VAL A 95 2.44 -19.24 4.54
C VAL A 95 2.84 -17.82 4.84
N LEU A 96 2.38 -16.85 4.06
CA LEU A 96 2.80 -15.46 4.33
C LEU A 96 2.25 -14.98 5.69
N SER A 97 1.05 -15.42 6.05
CA SER A 97 0.48 -15.12 7.33
C SER A 97 1.38 -15.61 8.46
N LYS A 98 1.92 -16.81 8.30
CA LYS A 98 2.80 -17.38 9.32
C LYS A 98 4.18 -16.72 9.31
N VAL A 99 4.68 -16.40 8.11
CA VAL A 99 5.98 -15.74 8.00
C VAL A 99 5.93 -14.35 8.65
N LEU A 100 4.80 -13.67 8.49
CA LEU A 100 4.61 -12.30 8.98
C LEU A 100 3.66 -12.27 10.16
N SER A 101 3.83 -13.25 11.05
CA SER A 101 2.88 -13.53 12.12
C SER A 101 3.14 -12.68 13.35
N PRO A 102 2.13 -12.63 14.23
CA PRO A 102 2.36 -11.98 15.52
C PRO A 102 3.64 -12.43 16.19
N ALA A 103 3.86 -13.75 16.26
CA ALA A 103 5.08 -14.31 16.81
C ALA A 103 6.34 -13.77 16.11
N THR A 104 6.32 -13.68 14.79
CA THR A 104 7.48 -13.12 14.09
C THR A 104 7.75 -11.66 14.48
N MET A 105 6.71 -10.89 14.77
CA MET A 105 6.92 -9.48 15.09
C MET A 105 7.77 -9.32 16.35
N LYS A 106 7.66 -10.25 17.27
CA LYS A 106 8.50 -10.24 18.47
C LYS A 106 9.97 -10.27 18.10
N THR A 107 10.32 -11.00 17.04
CA THR A 107 11.72 -11.15 16.72
C THR A 107 12.33 -9.91 16.11
N ILE A 108 11.53 -9.01 15.52
CA ILE A 108 12.08 -7.87 14.80
C ILE A 108 11.78 -6.54 15.50
N ARG A 109 10.92 -6.56 16.51
CA ARG A 109 10.46 -5.30 17.10
C ARG A 109 11.58 -4.47 17.68
N ASP A 110 12.49 -5.08 18.43
CA ASP A 110 13.50 -4.28 19.10
C ASP A 110 14.38 -3.55 18.11
N GLY A 111 14.81 -4.25 17.07
CA GLY A 111 15.64 -3.67 16.04
C GLY A 111 14.90 -2.62 15.22
N PHE A 112 13.62 -2.88 14.93
CA PHE A 112 12.84 -1.92 14.15
C PHE A 112 12.65 -0.63 14.96
N ALA A 113 12.37 -0.78 16.25
CA ALA A 113 12.19 0.35 17.16
C ALA A 113 13.50 1.11 17.33
N ALA A 114 14.58 0.38 17.60
CA ALA A 114 15.89 1.02 17.74
C ALA A 114 16.28 1.81 16.50
N ALA A 115 16.04 1.26 15.31
CA ALA A 115 16.39 1.97 14.09
C ALA A 115 15.54 3.23 13.91
N ALA A 116 14.26 3.18 14.28
CA ALA A 116 13.39 4.36 14.20
C ALA A 116 13.90 5.45 15.15
N ASP A 117 14.18 5.09 16.39
CA ASP A 117 14.66 6.06 17.38
C ASP A 117 15.95 6.72 16.88
N ALA A 118 16.88 5.89 16.44
CA ALA A 118 18.17 6.37 15.97
C ALA A 118 17.99 7.32 14.79
N LYS A 119 17.08 6.98 13.88
CA LYS A 119 16.85 7.81 12.71
C LYS A 119 16.32 9.18 13.10
N VAL A 120 15.35 9.21 14.01
CA VAL A 120 14.78 10.49 14.40
C VAL A 120 15.87 11.34 15.10
N ASP A 121 16.68 10.73 15.96
CA ASP A 121 17.77 11.47 16.61
C ASP A 121 18.75 12.01 15.58
N GLU A 122 19.06 11.21 14.56
CA GLU A 122 19.95 11.64 13.49
C GLU A 122 19.38 12.84 12.75
N LEU A 123 18.09 12.79 12.43
CA LEU A 123 17.48 13.85 11.67
C LEU A 123 17.39 15.13 12.50
N LEU A 124 17.22 14.98 13.81
CA LEU A 124 17.15 16.13 14.68
C LEU A 124 18.49 16.84 14.73
N GLN A 125 19.58 16.12 14.49
CA GLN A 125 20.90 16.75 14.43
C GLN A 125 21.02 17.59 13.17
N ARG A 126 20.32 17.19 12.11
CA ARG A 126 20.37 17.92 10.85
C ARG A 126 19.40 19.11 10.88
N GLY A 127 18.26 18.92 11.54
CA GLY A 127 17.27 19.96 11.67
C GLY A 127 16.34 20.09 10.48
N CYS A 128 16.90 20.42 9.33
CA CYS A 128 16.11 20.58 8.10
C CYS A 128 16.40 19.41 7.17
N ILE A 129 15.37 18.62 6.92
CA ILE A 129 15.52 17.37 6.22
C ILE A 129 14.38 17.24 5.20
N ASP A 130 14.52 16.26 4.33
CA ASP A 130 13.43 15.91 3.43
C ASP A 130 12.76 14.67 4.02
N ALA A 131 11.52 14.83 4.46
CA ALA A 131 10.84 13.72 5.12
C ALA A 131 10.55 12.53 4.22
N ILE A 132 10.74 12.66 2.90
CA ILE A 132 10.64 11.48 2.03
C ILE A 132 12.01 10.80 1.97
N ALA A 133 12.97 11.33 1.21
CA ALA A 133 14.27 10.65 1.08
C ALA A 133 14.92 10.32 2.44
N ASP A 134 14.86 11.26 3.38
CA ASP A 134 15.62 11.10 4.63
C ASP A 134 14.89 10.35 5.73
N LEU A 135 13.60 10.07 5.55
CA LEU A 135 12.80 9.49 6.63
C LEU A 135 11.88 8.42 6.10
N ALA A 136 10.90 8.81 5.28
CA ALA A 136 9.93 7.84 4.77
C ALA A 136 10.59 6.73 3.93
N GLU A 137 11.63 7.08 3.16
CA GLU A 137 12.38 6.08 2.39
C GLU A 137 13.53 5.51 3.22
N ALA A 138 14.28 6.38 3.88
CA ALA A 138 15.47 5.94 4.57
C ALA A 138 15.17 4.92 5.66
N TYR A 139 14.10 5.11 6.44
CA TYR A 139 13.89 4.21 7.57
C TYR A 139 13.48 2.79 7.04
N PRO A 140 12.48 2.70 6.15
CA PRO A 140 12.17 1.34 5.66
C PRO A 140 13.35 0.68 4.94
N LEU A 141 14.12 1.44 4.19
CA LEU A 141 15.33 0.87 3.58
C LEU A 141 16.33 0.33 4.61
N SER A 142 16.35 0.93 5.80
CA SER A 142 17.30 0.53 6.84
C SER A 142 16.89 -0.72 7.61
N VAL A 143 15.61 -1.10 7.54
CA VAL A 143 15.17 -2.29 8.26
C VAL A 143 14.57 -3.41 7.39
N PHE A 144 13.85 -3.08 6.32
CA PHE A 144 13.05 -4.14 5.66
C PHE A 144 13.91 -5.05 4.77
N PRO A 145 14.83 -4.49 3.97
CA PRO A 145 15.71 -5.38 3.20
C PRO A 145 16.48 -6.35 4.11
N ASP A 146 16.94 -5.86 5.26
CA ASP A 146 17.62 -6.75 6.20
C ASP A 146 16.68 -7.83 6.74
N ALA A 147 15.46 -7.42 7.09
CA ALA A 147 14.49 -8.36 7.64
C ALA A 147 14.12 -9.41 6.64
N MET A 148 14.16 -9.06 5.35
CA MET A 148 13.95 -10.03 4.27
C MET A 148 15.09 -11.02 4.15
N GLY A 149 16.27 -10.60 4.62
CA GLY A 149 17.48 -11.39 4.42
C GLY A 149 18.15 -11.13 3.07
N LEU A 150 17.94 -9.95 2.50
CA LEU A 150 18.58 -9.62 1.21
C LEU A 150 20.05 -9.31 1.37
N LYS A 151 20.83 -9.73 0.38
CA LYS A 151 22.21 -9.26 0.30
C LYS A 151 22.25 -7.75 0.10
N GLN A 152 23.44 -7.17 0.25
CA GLN A 152 23.58 -5.72 0.09
C GLN A 152 23.48 -5.33 -1.38
N GLU A 153 24.10 -6.13 -2.22
CA GLU A 153 24.28 -5.75 -3.61
C GLU A 153 22.95 -5.77 -4.34
N GLY A 154 22.64 -4.66 -4.99
CA GLY A 154 21.48 -4.61 -5.88
C GLY A 154 20.28 -3.94 -5.25
N ARG A 155 20.36 -3.56 -3.98
CA ARG A 155 19.18 -3.01 -3.32
C ARG A 155 18.64 -1.73 -3.95
N GLU A 156 19.47 -1.04 -4.71
CA GLU A 156 19.03 0.12 -5.48
C GLU A 156 17.92 -0.18 -6.48
N HIS A 157 17.72 -1.45 -6.80
CA HIS A 157 16.60 -1.87 -7.64
C HIS A 157 15.25 -2.01 -6.91
N LEU A 158 15.24 -2.01 -5.56
CA LEU A 158 14.00 -2.33 -4.85
C LEU A 158 12.89 -1.30 -5.07
N LEU A 159 13.18 -0.03 -4.88
CA LEU A 159 12.13 0.97 -5.05
C LEU A 159 11.72 1.10 -6.52
N PRO A 160 12.68 1.10 -7.44
CA PRO A 160 12.25 1.15 -8.84
C PRO A 160 11.35 -0.03 -9.19
N TYR A 161 11.65 -1.23 -8.69
CA TYR A 161 10.82 -2.37 -9.02
C TYR A 161 9.43 -2.18 -8.45
N ALA A 162 9.33 -1.71 -7.22
CA ALA A 162 8.00 -1.49 -6.64
C ALA A 162 7.22 -0.42 -7.42
N GLY A 163 7.92 0.64 -7.81
CA GLY A 163 7.27 1.69 -8.59
C GLY A 163 6.62 1.09 -9.84
N LEU A 164 7.36 0.18 -10.45
CA LEU A 164 6.92 -0.53 -11.63
C LEU A 164 5.67 -1.38 -11.34
N VAL A 165 5.71 -2.17 -10.28
CA VAL A 165 4.59 -3.05 -9.93
C VAL A 165 3.31 -2.23 -9.77
N PHE A 166 3.43 -1.11 -9.06
CA PHE A 166 2.26 -0.35 -8.71
C PHE A 166 1.80 0.48 -9.91
N ASN A 167 2.74 0.95 -10.74
CA ASN A 167 2.32 1.57 -11.99
C ASN A 167 1.63 0.55 -12.93
N ALA A 168 2.07 -0.71 -12.87
CA ALA A 168 1.60 -1.70 -13.83
C ALA A 168 0.15 -2.16 -13.55
N PHE A 169 -0.37 -1.92 -12.35
CA PHE A 169 -1.79 -2.16 -12.10
C PHE A 169 -2.68 -1.17 -12.86
N GLY A 170 -2.07 -0.07 -13.28
CA GLY A 170 -2.83 0.97 -13.93
C GLY A 170 -3.19 0.63 -15.37
N PRO A 171 -3.87 1.57 -16.02
CA PRO A 171 -4.15 1.50 -17.45
C PRO A 171 -2.87 1.74 -18.23
N PRO A 172 -2.87 1.46 -19.53
CA PRO A 172 -1.69 1.63 -20.38
C PRO A 172 -1.45 3.09 -20.75
N ASN A 173 -1.24 3.92 -19.72
CA ASN A 173 -0.91 5.33 -19.90
C ASN A 173 0.62 5.44 -19.92
N GLU A 174 1.11 6.66 -19.98
CA GLU A 174 2.54 6.92 -20.10
C GLU A 174 3.28 6.40 -18.86
N LEU A 175 2.67 6.59 -17.69
CA LEU A 175 3.26 6.09 -16.45
C LEU A 175 3.51 4.58 -16.53
N ARG A 176 2.52 3.82 -17.00
CA ARG A 176 2.69 2.39 -17.07
C ARG A 176 3.70 2.01 -18.14
N GLN A 177 3.56 2.61 -19.32
CA GLN A 177 4.41 2.20 -20.43
C GLN A 177 5.88 2.50 -20.13
N THR A 178 6.14 3.66 -19.53
CA THR A 178 7.51 4.05 -19.20
C THR A 178 8.07 3.11 -18.13
N ALA A 179 7.20 2.64 -17.24
CA ALA A 179 7.64 1.76 -16.16
C ALA A 179 8.02 0.38 -16.69
N ILE A 180 7.21 -0.16 -17.59
CA ILE A 180 7.44 -1.51 -18.08
C ILE A 180 8.59 -1.54 -19.08
N GLU A 181 8.71 -0.50 -19.88
CA GLU A 181 9.81 -0.39 -20.85
C GLU A 181 11.18 -0.39 -20.13
N ARG A 182 12.07 -1.23 -20.64
CA ARG A 182 13.41 -1.43 -20.06
C ARG A 182 13.39 -1.75 -18.55
N SER A 183 12.33 -2.41 -18.10
CA SER A 183 12.29 -2.86 -16.70
C SER A 183 13.05 -4.17 -16.41
N ALA A 184 13.53 -4.83 -17.45
CA ALA A 184 14.21 -6.12 -17.30
C ALA A 184 15.26 -6.13 -16.19
N PRO A 185 16.12 -5.10 -16.10
CA PRO A 185 17.14 -5.17 -15.04
C PRO A 185 16.56 -5.18 -13.64
N HIS A 186 15.46 -4.46 -13.42
CA HIS A 186 14.81 -4.50 -12.12
C HIS A 186 14.22 -5.87 -11.85
N GLN A 187 13.54 -6.41 -12.86
CA GLN A 187 12.97 -7.75 -12.79
C GLN A 187 14.05 -8.79 -12.49
N ALA A 188 15.18 -8.71 -13.20
CA ALA A 188 16.23 -9.71 -13.08
C ALA A 188 16.77 -9.69 -11.66
N TYR A 189 16.95 -8.49 -11.13
CA TYR A 189 17.47 -8.37 -9.76
C TYR A 189 16.53 -9.02 -8.75
N VAL A 190 15.26 -8.63 -8.78
CA VAL A 190 14.28 -9.14 -7.82
C VAL A 190 14.15 -10.66 -7.97
N ASN A 191 13.96 -11.13 -9.19
CA ASN A 191 13.81 -12.55 -9.42
C ASN A 191 15.01 -13.36 -8.93
N GLU A 192 16.23 -12.85 -9.10
CA GLU A 192 17.38 -13.54 -8.59
C GLU A 192 17.35 -13.62 -7.06
N GLN A 193 17.00 -12.54 -6.37
CA GLN A 193 17.05 -12.57 -4.91
C GLN A 193 15.97 -13.47 -4.33
N CYS A 194 14.94 -13.82 -5.11
CA CYS A 194 13.90 -14.73 -4.62
C CYS A 194 14.35 -16.20 -4.52
N GLN A 195 15.49 -16.53 -5.12
CA GLN A 195 16.02 -17.89 -5.05
C GLN A 195 16.66 -18.13 -3.70
N ARG A 196 16.46 -19.33 -3.19
CA ARG A 196 16.78 -19.68 -1.81
C ARG A 196 18.25 -19.37 -1.42
N PRO A 197 19.24 -19.68 -2.28
CA PRO A 197 20.62 -19.38 -1.87
C PRO A 197 20.93 -17.91 -1.54
N ASN A 198 20.13 -16.99 -2.08
CA ASN A 198 20.40 -15.56 -1.92
C ASN A 198 19.73 -14.92 -0.71
N LEU A 199 19.04 -15.73 0.08
CA LEU A 199 18.26 -15.21 1.19
C LEU A 199 18.84 -15.68 2.53
N ALA A 200 19.17 -14.72 3.38
CA ALA A 200 19.84 -15.02 4.64
C ALA A 200 18.96 -15.85 5.56
N PRO A 201 19.53 -16.92 6.12
CA PRO A 201 18.79 -17.66 7.13
C PRO A 201 18.30 -16.74 8.25
N GLY A 202 17.08 -16.97 8.71
CA GLY A 202 16.48 -16.14 9.73
C GLY A 202 15.56 -15.06 9.19
N GLY A 203 15.70 -14.73 7.91
CA GLY A 203 14.95 -13.63 7.34
C GLY A 203 13.63 -14.11 6.76
N PHE A 204 12.78 -13.19 6.32
CA PHE A 204 11.46 -13.54 5.81
C PHE A 204 11.56 -14.43 4.58
N GLY A 205 12.52 -14.14 3.71
CA GLY A 205 12.70 -14.90 2.47
C GLY A 205 13.03 -16.36 2.73
N ALA A 206 14.01 -16.59 3.59
CA ALA A 206 14.40 -17.94 3.95
C ALA A 206 13.27 -18.68 4.66
N CYS A 207 12.50 -17.96 5.46
CA CYS A 207 11.38 -18.55 6.17
CA CYS A 207 11.38 -18.56 6.17
C CYS A 207 10.31 -19.04 5.19
N ILE A 208 10.03 -18.25 4.15
CA ILE A 208 9.13 -18.70 3.09
C ILE A 208 9.62 -20.02 2.49
N HIS A 209 10.89 -20.08 2.11
CA HIS A 209 11.44 -21.30 1.53
C HIS A 209 11.35 -22.48 2.53
N ALA A 210 11.51 -22.21 3.83
CA ALA A 210 11.42 -23.24 4.85
C ALA A 210 10.04 -23.89 4.88
N PHE A 211 9.01 -23.14 4.51
CA PHE A 211 7.66 -23.69 4.47
C PHE A 211 7.42 -24.69 3.32
N THR A 212 8.32 -24.78 2.36
CA THR A 212 8.16 -25.76 1.30
C THR A 212 8.24 -27.18 1.90
N ASP A 213 8.89 -27.32 3.05
CA ASP A 213 8.94 -28.63 3.73
C ASP A 213 7.58 -29.15 4.23
N THR A 214 6.67 -28.23 4.49
CA THR A 214 5.40 -28.55 5.16
C THR A 214 4.31 -29.03 4.26
N GLY A 215 4.47 -28.90 2.96
CA GLY A 215 3.39 -29.20 2.06
C GLY A 215 2.48 -28.01 1.78
N GLU A 216 2.70 -26.86 2.42
CA GLU A 216 1.83 -25.74 2.11
C GLU A 216 2.11 -25.09 0.77
N ILE A 217 3.39 -24.95 0.43
CA ILE A 217 3.81 -24.49 -0.88
C ILE A 217 4.90 -25.43 -1.42
N THR A 218 5.01 -25.58 -2.73
CA THR A 218 6.09 -26.33 -3.32
C THR A 218 7.34 -25.46 -3.40
N PRO A 219 8.50 -26.06 -3.61
CA PRO A 219 9.71 -25.25 -3.77
C PRO A 219 9.62 -24.25 -4.91
N ASP A 220 8.94 -24.58 -6.01
CA ASP A 220 8.81 -23.66 -7.14
C ASP A 220 7.82 -22.53 -6.88
N GLU A 221 7.02 -22.66 -5.82
CA GLU A 221 6.15 -21.57 -5.42
C GLU A 221 6.84 -20.53 -4.55
N ALA A 222 7.84 -20.98 -3.81
CA ALA A 222 8.47 -20.10 -2.83
C ALA A 222 9.07 -18.81 -3.43
N PRO A 223 9.81 -18.87 -4.55
CA PRO A 223 10.37 -17.62 -5.07
C PRO A 223 9.30 -16.57 -5.42
N LEU A 224 8.14 -17.02 -5.90
CA LEU A 224 7.09 -16.07 -6.22
C LEU A 224 6.48 -15.47 -4.98
N LEU A 225 6.49 -16.18 -3.86
CA LEU A 225 5.97 -15.60 -2.62
C LEU A 225 7.02 -14.65 -2.03
N VAL A 226 8.31 -14.96 -2.15
CA VAL A 226 9.32 -13.97 -1.81
C VAL A 226 9.12 -12.73 -2.67
N ARG A 227 8.84 -12.94 -3.95
CA ARG A 227 8.62 -11.83 -4.86
C ARG A 227 7.45 -10.95 -4.39
N SER A 228 6.39 -11.54 -3.85
CA SER A 228 5.29 -10.76 -3.33
C SER A 228 5.77 -9.78 -2.25
N LEU A 229 6.63 -10.23 -1.33
CA LEU A 229 7.10 -9.37 -0.25
C LEU A 229 8.02 -8.27 -0.80
N LEU A 230 8.81 -8.61 -1.81
CA LEU A 230 9.70 -7.63 -2.42
C LEU A 230 8.94 -6.65 -3.33
N SER A 231 7.73 -7.02 -3.73
CA SER A 231 6.87 -6.12 -4.47
C SER A 231 6.14 -5.13 -3.57
N ALA A 232 5.53 -5.67 -2.51
CA ALA A 232 4.60 -4.90 -1.72
C ALA A 232 5.19 -4.35 -0.44
N GLY A 233 6.28 -4.92 0.02
CA GLY A 233 6.64 -4.74 1.41
C GLY A 233 7.46 -3.50 1.74
N LEU A 234 7.95 -2.78 0.74
CA LEU A 234 8.81 -1.62 0.96
C LEU A 234 8.12 -0.30 0.58
N ASP A 235 7.70 -0.15 -0.67
CA ASP A 235 7.16 1.10 -1.16
C ASP A 235 5.84 1.46 -0.47
N THR A 236 5.06 0.45 -0.11
CA THR A 236 3.87 0.69 0.69
C THR A 236 4.21 1.42 2.01
N THR A 237 5.20 0.93 2.74
CA THR A 237 5.56 1.50 4.03
C THR A 237 6.17 2.89 3.83
N VAL A 238 6.90 3.10 2.74
CA VAL A 238 7.42 4.43 2.41
C VAL A 238 6.26 5.44 2.34
N ASN A 239 5.24 5.10 1.55
CA ASN A 239 4.11 6.01 1.40
C ASN A 239 3.21 6.08 2.65
N GLY A 240 3.17 5.00 3.42
CA GLY A 240 2.44 5.02 4.68
C GLY A 240 3.09 5.92 5.71
N ILE A 241 4.40 5.76 5.90
CA ILE A 241 5.12 6.62 6.85
C ILE A 241 5.13 8.09 6.35
N GLY A 242 5.38 8.29 5.06
CA GLY A 242 5.33 9.63 4.51
C GLY A 242 3.97 10.28 4.72
N ALA A 243 2.90 9.50 4.57
CA ALA A 243 1.54 10.01 4.79
C ALA A 243 1.38 10.49 6.21
N ALA A 244 1.87 9.68 7.14
CA ALA A 244 1.72 9.99 8.56
C ALA A 244 2.49 11.27 8.91
N VAL A 245 3.73 11.39 8.42
CA VAL A 245 4.51 12.57 8.70
C VAL A 245 3.87 13.77 8.03
N TYR A 246 3.35 13.61 6.82
CA TYR A 246 2.68 14.71 6.15
C TYR A 246 1.43 15.14 6.94
N CYS A 247 0.68 14.17 7.45
CA CYS A 247 -0.46 14.48 8.31
C CYS A 247 -0.02 15.25 9.56
N LEU A 248 0.98 14.75 10.26
CA LEU A 248 1.44 15.41 11.49
C LEU A 248 1.98 16.83 11.20
N ALA A 249 2.60 17.03 10.04
CA ALA A 249 3.07 18.35 9.61
C ALA A 249 1.93 19.34 9.35
N ARG A 250 0.80 18.83 8.89
CA ARG A 250 -0.33 19.67 8.50
C ARG A 250 -1.30 19.86 9.66
N PHE A 251 -1.26 18.95 10.63
CA PHE A 251 -2.17 18.99 11.78
C PHE A 251 -1.37 19.07 13.08
N PRO A 252 -0.82 20.25 13.41
CA PRO A 252 0.03 20.38 14.60
C PRO A 252 -0.70 20.01 15.89
N GLY A 253 -2.00 20.25 15.93
CA GLY A 253 -2.82 19.87 17.08
C GLY A 253 -2.74 18.38 17.36
N GLU A 254 -2.73 17.58 16.30
CA GLU A 254 -2.64 16.14 16.44
C GLU A 254 -1.23 15.68 16.78
N LEU A 255 -0.21 16.37 16.28
CA LEU A 255 1.14 16.09 16.73
C LEU A 255 1.23 16.30 18.22
N GLN A 256 0.61 17.37 18.70
CA GLN A 256 0.69 17.66 20.12
CA GLN A 256 0.69 17.66 20.12
C GLN A 256 -0.06 16.61 20.94
N ARG A 257 -1.18 16.11 20.46
CA ARG A 257 -1.87 15.06 21.19
C ARG A 257 -1.01 13.78 21.20
N LEU A 258 -0.39 13.46 20.07
CA LEU A 258 0.53 12.33 19.99
C LEU A 258 1.71 12.45 20.96
N ARG A 259 2.31 13.63 21.03
CA ARG A 259 3.37 13.84 22.00
C ARG A 259 2.91 13.57 23.42
N SER A 260 1.69 14.00 23.73
CA SER A 260 1.22 13.93 25.09
C SER A 260 0.86 12.47 25.48
N ASP A 261 0.63 11.63 24.46
CA ASP A 261 0.38 10.21 24.72
C ASP A 261 0.95 9.38 23.57
N PRO A 262 2.24 9.05 23.66
CA PRO A 262 2.88 8.26 22.59
C PRO A 262 2.21 6.91 22.35
N THR A 263 1.39 6.43 23.26
CA THR A 263 0.72 5.14 23.00
C THR A 263 -0.35 5.29 21.93
N LEU A 264 -0.64 6.53 21.53
CA LEU A 264 -1.51 6.76 20.37
C LEU A 264 -0.80 6.56 19.03
N ALA A 265 0.47 6.18 19.05
CA ALA A 265 1.28 6.05 17.82
C ALA A 265 0.63 5.09 16.83
N ARG A 266 0.20 3.93 17.31
CA ARG A 266 -0.31 2.91 16.41
C ARG A 266 -1.60 3.38 15.73
N ASN A 267 -2.49 4.02 16.49
CA ASN A 267 -3.70 4.53 15.88
C ASN A 267 -3.47 5.78 15.05
N ALA A 268 -2.47 6.59 15.39
CA ALA A 268 -2.12 7.72 14.54
C ALA A 268 -1.62 7.27 13.18
N PHE A 269 -0.93 6.14 13.14
CA PHE A 269 -0.53 5.58 11.86
C PHE A 269 -1.74 5.00 11.09
N GLU A 270 -2.60 4.27 11.80
CA GLU A 270 -3.76 3.70 11.17
C GLU A 270 -4.60 4.81 10.55
N GLU A 271 -4.76 5.91 11.27
CA GLU A 271 -5.55 7.02 10.78
C GLU A 271 -4.91 7.63 9.55
N ALA A 272 -3.58 7.69 9.52
CA ALA A 272 -2.89 8.18 8.34
C ALA A 272 -3.17 7.28 7.13
N VAL A 273 -3.22 5.97 7.37
CA VAL A 273 -3.51 5.03 6.29
C VAL A 273 -4.92 5.30 5.75
N ARG A 274 -5.88 5.52 6.65
CA ARG A 274 -7.22 5.90 6.19
C ARG A 274 -7.20 7.21 5.44
N PHE A 275 -6.57 8.23 6.04
CA PHE A 275 -6.65 9.59 5.55
C PHE A 275 -6.00 9.79 4.18
N GLU A 276 -4.84 9.20 3.94
CA GLU A 276 -4.15 9.36 2.65
C GLU A 276 -4.38 8.15 1.75
N SER A 277 -4.64 6.99 2.34
CA SER A 277 -4.82 5.75 1.59
C SER A 277 -3.74 5.55 0.54
N PRO A 278 -2.52 5.24 1.00
CA PRO A 278 -1.35 5.10 0.14
C PRO A 278 -1.58 4.17 -1.05
N VAL A 279 -2.34 3.10 -0.84
CA VAL A 279 -2.77 2.27 -1.94
C VAL A 279 -4.18 2.74 -2.26
N GLN A 280 -4.30 3.45 -3.38
CA GLN A 280 -5.54 4.19 -3.71
C GLN A 280 -6.66 3.33 -4.28
N THR A 281 -6.27 2.35 -5.08
CA THR A 281 -7.20 1.65 -5.95
C THR A 281 -6.76 0.23 -6.20
N PHE A 282 -7.75 -0.65 -6.35
CA PHE A 282 -7.53 -1.94 -7.00
C PHE A 282 -8.73 -2.28 -7.86
N PHE A 283 -8.54 -3.15 -8.84
CA PHE A 283 -9.64 -3.69 -9.61
C PHE A 283 -10.03 -5.11 -9.18
N ARG A 284 -11.25 -5.49 -9.57
CA ARG A 284 -11.67 -6.88 -9.62
C ARG A 284 -12.25 -7.14 -11.01
N THR A 285 -12.45 -8.42 -11.34
CA THR A 285 -13.11 -8.81 -12.58
C THR A 285 -14.35 -9.62 -12.24
N THR A 286 -15.50 -9.29 -12.81
CA THR A 286 -16.70 -10.08 -12.55
C THR A 286 -16.61 -11.46 -13.21
N THR A 287 -17.02 -12.48 -12.47
CA THR A 287 -17.02 -13.85 -12.96
C THR A 287 -18.36 -14.25 -13.51
N ARG A 288 -19.33 -13.35 -13.37
CA ARG A 288 -20.72 -13.61 -13.74
C ARG A 288 -21.44 -12.28 -13.81
N GLU A 289 -22.60 -12.30 -14.45
CA GLU A 289 -23.45 -11.13 -14.42
C GLU A 289 -23.85 -10.92 -12.97
N VAL A 290 -23.90 -9.65 -12.55
CA VAL A 290 -24.12 -9.31 -11.16
C VAL A 290 -24.76 -7.92 -11.07
N GLU A 291 -25.73 -7.80 -10.17
CA GLU A 291 -26.33 -6.52 -9.87
C GLU A 291 -25.57 -5.89 -8.73
N LEU A 292 -25.11 -4.66 -8.93
CA LEU A 292 -24.44 -3.89 -7.88
C LEU A 292 -24.93 -2.45 -7.98
N GLY A 293 -25.35 -1.88 -6.85
CA GLY A 293 -25.90 -0.54 -6.84
C GLY A 293 -26.96 -0.31 -7.90
N GLY A 294 -27.89 -1.26 -8.00
CA GLY A 294 -28.97 -1.21 -8.97
C GLY A 294 -28.50 -1.29 -10.41
N ALA A 295 -27.20 -1.56 -10.58
CA ALA A 295 -26.60 -1.62 -11.90
C ALA A 295 -26.31 -3.08 -12.26
N VAL A 296 -26.63 -3.51 -13.48
CA VAL A 296 -26.37 -4.89 -13.88
C VAL A 296 -25.09 -4.98 -14.71
N ILE A 297 -24.07 -5.54 -14.08
CA ILE A 297 -22.74 -5.65 -14.67
C ILE A 297 -22.59 -7.03 -15.31
N GLY A 298 -22.16 -7.08 -16.57
CA GLY A 298 -21.98 -8.35 -17.24
C GLY A 298 -20.80 -9.10 -16.68
N GLU A 299 -20.65 -10.35 -17.11
CA GLU A 299 -19.51 -11.18 -16.82
C GLU A 299 -18.29 -10.56 -17.49
N GLY A 300 -17.14 -10.76 -16.87
CA GLY A 300 -15.87 -10.40 -17.44
C GLY A 300 -15.62 -8.91 -17.54
N GLU A 301 -16.19 -8.15 -16.62
CA GLU A 301 -16.06 -6.70 -16.61
C GLU A 301 -15.10 -6.31 -15.50
N LYS A 302 -14.33 -5.27 -15.74
CA LYS A 302 -13.43 -4.75 -14.73
C LYS A 302 -14.18 -3.75 -13.86
N VAL A 303 -13.97 -3.87 -12.55
CA VAL A 303 -14.57 -3.01 -11.58
C VAL A 303 -13.49 -2.34 -10.75
N LEU A 304 -13.44 -1.01 -10.82
CA LEU A 304 -12.43 -0.23 -10.11
C LEU A 304 -12.93 0.21 -8.74
N MET A 305 -12.24 -0.23 -7.69
CA MET A 305 -12.57 0.16 -6.32
C MET A 305 -11.69 1.31 -5.88
N PHE A 306 -12.33 2.40 -5.45
CA PHE A 306 -11.62 3.57 -4.97
C PHE A 306 -11.47 3.49 -3.45
N LEU A 307 -10.38 2.87 -2.98
CA LEU A 307 -10.18 2.66 -1.56
C LEU A 307 -10.06 3.97 -0.81
N GLY A 308 -9.35 4.93 -1.39
CA GLY A 308 -9.16 6.23 -0.76
C GLY A 308 -10.47 6.98 -0.60
N SER A 309 -11.26 6.97 -1.67
CA SER A 309 -12.62 7.53 -1.62
C SER A 309 -13.48 6.89 -0.55
N ALA A 310 -13.43 5.57 -0.48
CA ALA A 310 -14.23 4.83 0.50
C ALA A 310 -13.84 5.27 1.92
N ASN A 311 -12.55 5.59 2.09
CA ASN A 311 -12.03 5.97 3.39
C ASN A 311 -12.32 7.42 3.72
N ARG A 312 -12.87 8.16 2.76
CA ARG A 312 -13.31 9.54 2.98
C ARG A 312 -14.81 9.76 2.74
N ASP A 313 -15.56 8.68 2.60
CA ASP A 313 -16.99 8.78 2.32
C ASP A 313 -17.78 9.31 3.55
N PRO A 314 -18.40 10.48 3.43
CA PRO A 314 -19.14 11.03 4.58
C PRO A 314 -20.35 10.19 4.98
N ARG A 315 -20.80 9.29 4.11
CA ARG A 315 -21.85 8.34 4.47
C ARG A 315 -21.41 7.41 5.60
N ARG A 316 -20.10 7.19 5.72
CA ARG A 316 -19.54 6.24 6.70
C ARG A 316 -18.73 6.94 7.80
N TRP A 317 -18.03 8.01 7.44
CA TRP A 317 -17.12 8.69 8.35
C TRP A 317 -17.58 10.08 8.76
N SER A 318 -17.52 10.35 10.05
CA SER A 318 -17.67 11.70 10.53
C SER A 318 -16.40 12.51 10.26
N ASP A 319 -16.55 13.71 9.71
CA ASP A 319 -15.43 14.59 9.42
C ASP A 319 -14.32 13.84 8.69
N PRO A 320 -14.66 13.26 7.53
CA PRO A 320 -13.71 12.36 6.84
C PRO A 320 -12.43 13.08 6.46
N ASP A 321 -12.50 14.40 6.30
CA ASP A 321 -11.36 15.14 5.82
C ASP A 321 -10.50 15.69 6.94
N LEU A 322 -10.78 15.24 8.17
CA LEU A 322 -9.95 15.57 9.31
C LEU A 322 -9.10 14.39 9.73
N TYR A 323 -7.83 14.69 10.03
CA TYR A 323 -6.89 13.71 10.56
C TYR A 323 -7.10 13.70 12.08
N ASP A 324 -7.61 12.59 12.62
CA ASP A 324 -7.96 12.47 14.03
C ASP A 324 -7.32 11.23 14.58
N ILE A 325 -6.28 11.38 15.39
CA ILE A 325 -5.54 10.20 15.84
C ILE A 325 -6.26 9.37 16.88
N THR A 326 -7.39 9.83 17.41
CA THR A 326 -8.19 8.98 18.30
C THR A 326 -9.47 8.50 17.61
N ARG A 327 -9.54 8.68 16.27
CA ARG A 327 -10.65 8.13 15.51
C ARG A 327 -10.73 6.62 15.67
N LYS A 328 -11.96 6.10 15.76
CA LYS A 328 -12.17 4.65 15.62
C LYS A 328 -12.04 4.33 14.13
N THR A 329 -10.87 3.81 13.77
CA THR A 329 -10.49 3.59 12.38
C THR A 329 -10.90 2.23 11.86
N SER A 330 -11.37 1.37 12.74
CA SER A 330 -11.69 0.00 12.34
C SER A 330 -12.74 0.04 11.23
N GLY A 331 -12.52 -0.78 10.19
CA GLY A 331 -13.40 -0.79 9.05
C GLY A 331 -12.88 -0.01 7.86
N HIS A 332 -11.84 0.81 8.05
CA HIS A 332 -11.27 1.48 6.90
C HIS A 332 -10.74 0.41 5.94
N VAL A 333 -10.66 0.75 4.66
CA VAL A 333 -10.22 -0.24 3.65
C VAL A 333 -8.83 0.05 3.04
N GLY A 334 -8.01 0.83 3.72
CA GLY A 334 -6.66 1.12 3.28
C GLY A 334 -5.75 -0.08 3.18
N PHE A 335 -6.06 -1.13 3.94
CA PHE A 335 -5.39 -2.43 3.88
C PHE A 335 -6.27 -3.48 3.18
N GLY A 336 -7.33 -3.04 2.52
CA GLY A 336 -8.30 -3.97 1.95
C GLY A 336 -9.26 -4.53 2.98
N SER A 337 -9.92 -5.63 2.65
CA SER A 337 -10.95 -6.21 3.49
C SER A 337 -11.28 -7.58 2.96
N GLY A 338 -11.45 -8.55 3.82
CA GLY A 338 -11.83 -9.89 3.39
C GLY A 338 -10.62 -10.77 3.13
N VAL A 339 -10.72 -11.65 2.15
CA VAL A 339 -9.75 -12.73 2.04
C VAL A 339 -8.36 -12.24 1.64
N HIS A 340 -8.28 -11.09 0.96
CA HIS A 340 -7.00 -10.56 0.56
C HIS A 340 -6.49 -9.44 1.44
N MET A 341 -7.14 -9.19 2.57
CA MET A 341 -6.75 -8.06 3.41
C MET A 341 -5.27 -8.17 3.73
N CYS A 342 -4.59 -7.04 3.67
CA CYS A 342 -3.13 -6.99 3.72
C CYS A 342 -2.50 -8.00 4.65
N VAL A 343 -1.80 -8.97 4.10
CA VAL A 343 -1.15 -9.98 4.91
C VAL A 343 0.12 -9.45 5.59
N GLY A 344 0.67 -8.37 5.08
CA GLY A 344 1.80 -7.71 5.73
C GLY A 344 1.43 -6.58 6.69
N GLN A 345 0.18 -6.54 7.13
CA GLN A 345 -0.29 -5.40 7.91
C GLN A 345 0.46 -5.27 9.24
N LEU A 346 0.95 -6.36 9.82
CA LEU A 346 1.64 -6.24 11.10
C LEU A 346 3.02 -5.63 10.89
N VAL A 347 3.66 -5.92 9.77
CA VAL A 347 4.94 -5.29 9.46
C VAL A 347 4.71 -3.79 9.22
N ALA A 348 3.74 -3.45 8.38
CA ALA A 348 3.39 -2.05 8.13
C ALA A 348 3.10 -1.28 9.41
N ARG A 349 2.24 -1.83 10.26
CA ARG A 349 1.90 -1.16 11.49
C ARG A 349 3.06 -1.10 12.48
N LEU A 350 3.92 -2.11 12.48
CA LEU A 350 5.05 -2.06 13.37
C LEU A 350 5.96 -0.91 13.00
N GLU A 351 6.29 -0.82 11.72
CA GLU A 351 7.13 0.27 11.22
C GLU A 351 6.54 1.64 11.51
N GLY A 352 5.25 1.77 11.22
CA GLY A 352 4.55 3.03 11.42
C GLY A 352 4.50 3.39 12.88
N GLU A 353 4.15 2.43 13.72
CA GLU A 353 4.09 2.66 15.15
C GLU A 353 5.41 3.16 15.69
N VAL A 354 6.49 2.45 15.39
CA VAL A 354 7.74 2.76 16.06
C VAL A 354 8.32 4.07 15.55
N MET A 355 8.03 4.44 14.31
CA MET A 355 8.49 5.73 13.82
C MET A 355 7.67 6.83 14.47
N LEU A 356 6.36 6.64 14.58
CA LEU A 356 5.53 7.68 15.16
C LEU A 356 5.80 7.77 16.65
N SER A 357 6.13 6.66 17.30
CA SER A 357 6.56 6.70 18.71
C SER A 357 7.82 7.55 18.88
N ALA A 358 8.81 7.32 18.03
CA ALA A 358 10.07 8.08 18.09
C ALA A 358 9.77 9.57 17.91
N LEU A 359 8.99 9.91 16.88
CA LEU A 359 8.60 11.30 16.72
C LEU A 359 7.88 11.84 17.98
N ALA A 360 6.97 11.05 18.54
CA ALA A 360 6.16 11.53 19.65
C ALA A 360 7.04 11.87 20.84
N ARG A 361 8.12 11.14 21.00
CA ARG A 361 8.93 11.27 22.21
C ARG A 361 10.05 12.29 22.01
N LYS A 362 10.41 12.55 20.76
CA LYS A 362 11.62 13.33 20.47
C LYS A 362 11.41 14.67 19.76
N VAL A 363 10.25 14.89 19.16
CA VAL A 363 10.02 16.04 18.29
C VAL A 363 8.91 16.93 18.86
N ALA A 364 9.14 18.23 18.87
CA ALA A 364 8.15 19.19 19.36
C ALA A 364 7.31 19.79 18.26
N ALA A 365 7.91 19.96 17.09
CA ALA A 365 7.23 20.57 15.98
C ALA A 365 7.77 20.01 14.68
N ILE A 366 6.88 19.96 13.68
CA ILE A 366 7.22 19.59 12.30
C ILE A 366 6.67 20.68 11.39
N ASP A 367 7.56 21.47 10.80
CA ASP A 367 7.16 22.56 9.92
C ASP A 367 7.63 22.37 8.50
N ILE A 368 6.68 22.39 7.57
CA ILE A 368 7.03 22.32 6.17
C ILE A 368 7.84 23.59 5.88
N ASP A 369 9.02 23.44 5.30
CA ASP A 369 9.92 24.60 5.11
C ASP A 369 10.63 24.57 3.77
N GLY A 370 9.94 24.10 2.74
CA GLY A 370 10.51 24.03 1.41
C GLY A 370 9.45 23.53 0.46
N PRO A 371 9.76 23.50 -0.84
CA PRO A 371 8.69 23.10 -1.78
C PRO A 371 8.29 21.63 -1.66
N VAL A 372 6.98 21.40 -1.55
CA VAL A 372 6.43 20.05 -1.52
C VAL A 372 6.18 19.54 -2.93
N LYS A 373 6.64 18.34 -3.21
CA LYS A 373 6.46 17.77 -4.54
C LYS A 373 5.78 16.41 -4.46
N ARG A 374 4.78 16.22 -5.30
CA ARG A 374 4.02 14.98 -5.28
C ARG A 374 4.65 13.95 -6.21
N ARG A 375 4.60 12.68 -5.81
CA ARG A 375 5.09 11.57 -6.61
C ARG A 375 3.91 10.91 -7.31
N PHE A 376 3.98 10.76 -8.63
CA PHE A 376 2.83 10.25 -9.36
C PHE A 376 3.03 8.76 -9.67
N ASN A 377 1.98 7.99 -9.42
CA ASN A 377 1.97 6.54 -9.56
C ASN A 377 0.53 6.14 -9.81
N ASN A 378 0.30 5.20 -10.71
CA ASN A 378 -1.05 4.78 -11.00
C ASN A 378 -1.81 4.20 -9.85
N THR A 379 -1.12 3.70 -8.81
CA THR A 379 -1.80 3.06 -7.68
C THR A 379 -1.45 3.69 -6.33
N LEU A 380 -0.21 4.16 -6.21
CA LEU A 380 0.30 4.72 -4.94
C LEU A 380 0.09 6.22 -4.87
N ARG A 381 -0.40 6.68 -3.72
CA ARG A 381 -0.48 8.12 -3.44
C ARG A 381 0.58 8.50 -2.43
N GLY A 382 1.39 9.49 -2.77
CA GLY A 382 2.40 9.94 -1.85
C GLY A 382 3.29 11.00 -2.45
N LEU A 383 4.25 11.46 -1.65
CA LEU A 383 5.09 12.59 -2.03
C LEU A 383 6.47 12.18 -2.49
N GLU A 384 7.02 13.02 -3.36
CA GLU A 384 8.38 12.89 -3.87
C GLU A 384 9.35 13.58 -2.92
N SER A 385 8.93 14.72 -2.38
CA SER A 385 9.79 15.52 -1.51
C SER A 385 8.94 16.29 -0.53
N LEU A 386 9.35 16.27 0.74
CA LEU A 386 8.61 16.91 1.82
C LEU A 386 9.61 17.58 2.76
N PRO A 387 10.10 18.77 2.37
CA PRO A 387 11.08 19.43 3.22
C PRO A 387 10.43 19.95 4.49
N VAL A 388 10.98 19.51 5.62
CA VAL A 388 10.48 19.94 6.91
C VAL A 388 11.61 20.36 7.83
N LYS A 389 11.28 21.25 8.76
CA LYS A 389 12.16 21.54 9.88
C LYS A 389 11.61 20.80 11.09
N LEU A 390 12.46 19.98 11.71
CA LEU A 390 12.14 19.28 12.95
C LEU A 390 12.69 20.06 14.14
N THR A 391 11.80 20.43 15.06
CA THR A 391 12.20 21.03 16.33
C THR A 391 12.27 19.98 17.42
N PRO A 392 13.41 19.86 18.11
CA PRO A 392 13.47 18.87 19.19
C PRO A 392 12.59 19.21 20.39
N ALA A 393 12.04 18.15 20.99
CA ALA A 393 11.37 18.27 22.28
C ALA A 393 12.35 18.68 23.34
#